data_3KD7
#
_entry.id   3KD7
#
_cell.length_a   100.674
_cell.length_b   100.674
_cell.length_c   161.574
_cell.angle_alpha   90.00
_cell.angle_beta   90.00
_cell.angle_gamma   120.00
#
_symmetry.space_group_name_H-M   'H 3'
#
loop_
_entity.id
_entity.type
_entity.pdbx_description
1 polymer CTPR390
2 polymer 'Hsp90 MEEVD peptide'
3 water water
#
loop_
_entity_poly.entity_id
_entity_poly.type
_entity_poly.pdbx_seq_one_letter_code
_entity_poly.pdbx_strand_id
1 'polypeptide(L)'
;GAMDPGNSAEAWKNLGNAYYKQGDYQKAIEYYQKALELDPNNASAWYNLGNAYYKQGDYQKAIEYYQKALELDPNNAKAW
YRRGNAYYKQGDYQKAIEDYQKALELDPNNAKAKQNLGNAKQKQG
;
A,B,C,D,E
2 'polypeptide(L)' (ACE)MEEVD G,H,I,J,K
#
loop_
_chem_comp.id
_chem_comp.type
_chem_comp.name
_chem_comp.formula
ACE non-polymer 'ACETYL GROUP' 'C2 H4 O'
#
# COMPACT_ATOMS: atom_id res chain seq x y z
N ASN A 7 -28.98 -23.61 12.30
CA ASN A 7 -28.95 -24.50 11.14
C ASN A 7 -29.23 -23.76 9.84
N SER A 8 -29.47 -22.45 9.95
CA SER A 8 -30.38 -21.76 9.03
C SER A 8 -29.61 -20.82 8.11
N ALA A 9 -28.37 -20.51 8.48
CA ALA A 9 -27.45 -19.84 7.57
C ALA A 9 -26.52 -20.92 7.03
N GLU A 10 -26.74 -22.15 7.46
CA GLU A 10 -26.22 -23.32 6.76
C GLU A 10 -26.97 -23.56 5.45
N ALA A 11 -28.16 -22.99 5.34
CA ALA A 11 -28.97 -23.11 4.14
C ALA A 11 -28.86 -21.87 3.25
N TRP A 12 -28.79 -20.69 3.88
CA TRP A 12 -28.64 -19.42 3.14
C TRP A 12 -27.30 -19.36 2.42
N LYS A 13 -26.23 -19.68 3.16
CA LYS A 13 -24.87 -19.76 2.60
C LYS A 13 -24.80 -20.74 1.43
N ASN A 14 -25.46 -21.89 1.59
CA ASN A 14 -25.51 -22.90 0.54
C ASN A 14 -26.29 -22.44 -0.69
N LEU A 15 -27.39 -21.73 -0.46
CA LEU A 15 -28.16 -21.09 -1.53
C LEU A 15 -27.30 -20.11 -2.28
N GLY A 16 -26.60 -19.25 -1.54
CA GLY A 16 -25.65 -18.30 -2.10
C GLY A 16 -24.53 -19.01 -2.84
N ASN A 17 -24.05 -20.10 -2.24
CA ASN A 17 -23.04 -20.95 -2.86
C ASN A 17 -23.52 -21.56 -4.17
N ALA A 18 -24.74 -22.10 -4.16
CA ALA A 18 -25.32 -22.73 -5.35
C ALA A 18 -25.52 -21.74 -6.50
N TYR A 19 -25.87 -20.50 -6.15
CA TYR A 19 -26.02 -19.43 -7.13
C TYR A 19 -24.66 -18.92 -7.60
N TYR A 20 -23.70 -18.88 -6.67
CA TYR A 20 -22.32 -18.52 -6.99
C TYR A 20 -21.72 -19.54 -7.96
N LYS A 21 -21.90 -20.83 -7.67
CA LYS A 21 -21.37 -21.91 -8.49
C LYS A 21 -21.90 -21.88 -9.92
N GLN A 22 -23.11 -21.32 -10.08
CA GLN A 22 -23.72 -21.19 -11.39
C GLN A 22 -23.51 -19.79 -12.00
N GLY A 23 -22.72 -18.98 -11.31
CA GLY A 23 -22.37 -17.63 -11.78
C GLY A 23 -23.54 -16.68 -11.84
N ASP A 24 -24.48 -16.84 -10.91
CA ASP A 24 -25.59 -15.93 -10.75
C ASP A 24 -25.29 -15.04 -9.55
N TYR A 25 -24.45 -14.03 -9.76
CA TYR A 25 -23.94 -13.22 -8.65
C TYR A 25 -25.00 -12.35 -7.97
N GLN A 26 -25.94 -11.85 -8.76
CA GLN A 26 -27.01 -11.01 -8.23
C GLN A 26 -27.78 -11.74 -7.13
N LYS A 27 -28.19 -12.98 -7.42
CA LYS A 27 -28.94 -13.77 -6.46
C LYS A 27 -28.04 -14.42 -5.40
N ALA A 28 -26.78 -14.66 -5.77
CA ALA A 28 -25.79 -15.16 -4.81
C ALA A 28 -25.60 -14.16 -3.66
N ILE A 29 -25.46 -12.89 -4.01
CA ILE A 29 -25.37 -11.79 -3.04
C ILE A 29 -26.58 -11.75 -2.11
N GLU A 30 -27.77 -11.86 -2.68
CA GLU A 30 -29.05 -11.86 -1.96
C GLU A 30 -29.06 -12.87 -0.80
N TYR A 31 -28.56 -14.08 -1.06
CA TYR A 31 -28.59 -15.14 -0.07
C TYR A 31 -27.31 -15.18 0.78
N TYR A 32 -26.26 -14.52 0.31
CA TYR A 32 -25.05 -14.33 1.12
C TYR A 32 -25.30 -13.28 2.22
N GLN A 33 -26.08 -12.25 1.87
CA GLN A 33 -26.45 -11.19 2.82
C GLN A 33 -27.40 -11.71 3.91
N LYS A 34 -28.31 -12.59 3.52
CA LYS A 34 -29.20 -13.25 4.48
C LYS A 34 -28.42 -14.16 5.42
N ALA A 35 -27.39 -14.81 4.89
CA ALA A 35 -26.48 -15.63 5.69
C ALA A 35 -25.72 -14.80 6.72
N LEU A 36 -25.29 -13.60 6.30
CA LEU A 36 -24.54 -12.69 7.17
C LEU A 36 -25.39 -11.99 8.23
N GLU A 37 -26.70 -11.87 8.00
CA GLU A 37 -27.60 -11.30 9.00
C GLU A 37 -27.63 -12.17 10.25
N LEU A 38 -27.73 -13.49 10.04
CA LEU A 38 -27.85 -14.45 11.13
C LEU A 38 -26.51 -14.80 11.76
N ASP A 39 -25.48 -14.95 10.93
CA ASP A 39 -24.13 -15.23 11.41
C ASP A 39 -23.13 -14.18 10.92
N PRO A 40 -23.06 -13.04 11.63
CA PRO A 40 -22.17 -11.95 11.25
C PRO A 40 -20.71 -12.20 11.64
N ASN A 41 -20.41 -13.39 12.14
CA ASN A 41 -19.05 -13.76 12.54
C ASN A 41 -18.33 -14.67 11.55
N ASN A 42 -19.08 -15.46 10.81
CA ASN A 42 -18.51 -16.36 9.80
C ASN A 42 -17.71 -15.59 8.75
N ALA A 43 -16.39 -15.74 8.81
CA ALA A 43 -15.48 -15.08 7.88
C ALA A 43 -15.71 -15.56 6.45
N SER A 44 -16.15 -16.82 6.32
CA SER A 44 -16.41 -17.44 5.02
C SER A 44 -17.54 -16.74 4.25
N ALA A 45 -18.53 -16.25 4.99
CA ALA A 45 -19.64 -15.50 4.42
C ALA A 45 -19.16 -14.14 3.89
N TRP A 46 -18.41 -13.41 4.72
CA TRP A 46 -17.80 -12.15 4.30
C TRP A 46 -16.91 -12.34 3.07
N TYR A 47 -16.22 -13.48 3.03
CA TYR A 47 -15.31 -13.82 1.94
C TYR A 47 -16.03 -14.06 0.62
N ASN A 48 -17.04 -14.94 0.65
CA ASN A 48 -17.80 -15.27 -0.56
C ASN A 48 -18.63 -14.11 -1.09
N LEU A 49 -19.17 -13.30 -0.19
CA LEU A 49 -19.86 -12.08 -0.57
C LEU A 49 -18.87 -11.14 -1.24
N GLY A 50 -17.66 -11.08 -0.69
CA GLY A 50 -16.55 -10.36 -1.31
C GLY A 50 -16.25 -10.88 -2.70
N ASN A 51 -16.26 -12.21 -2.84
CA ASN A 51 -16.07 -12.87 -4.14
C ASN A 51 -17.12 -12.50 -5.17
N ALA A 52 -18.37 -12.45 -4.72
CA ALA A 52 -19.50 -12.15 -5.59
C ALA A 52 -19.43 -10.73 -6.18
N TYR A 53 -19.10 -9.75 -5.34
CA TYR A 53 -18.96 -8.38 -5.81
C TYR A 53 -17.77 -8.25 -6.75
N TYR A 54 -16.67 -8.89 -6.38
CA TYR A 54 -15.43 -8.92 -7.17
C TYR A 54 -15.70 -9.45 -8.59
N LYS A 55 -16.49 -10.52 -8.67
CA LYS A 55 -16.79 -11.17 -9.94
C LYS A 55 -17.73 -10.33 -10.81
N GLN A 56 -18.55 -9.51 -10.18
CA GLN A 56 -19.38 -8.52 -10.89
C GLN A 56 -18.55 -7.35 -11.40
N GLY A 57 -17.36 -7.18 -10.84
CA GLY A 57 -16.53 -6.01 -11.10
C GLY A 57 -16.85 -4.87 -10.17
N ASP A 58 -17.60 -5.18 -9.11
CA ASP A 58 -17.87 -4.21 -8.05
C ASP A 58 -16.71 -4.30 -7.04
N TYR A 59 -15.58 -3.75 -7.44
CA TYR A 59 -14.35 -3.82 -6.65
C TYR A 59 -14.40 -2.97 -5.38
N GLN A 60 -15.12 -1.86 -5.42
CA GLN A 60 -15.29 -1.01 -4.26
C GLN A 60 -15.88 -1.80 -3.11
N LYS A 61 -17.00 -2.47 -3.37
CA LYS A 61 -17.68 -3.29 -2.36
C LYS A 61 -16.90 -4.57 -2.05
N ALA A 62 -16.18 -5.07 -3.06
CA ALA A 62 -15.34 -6.26 -2.86
C ALA A 62 -14.25 -5.99 -1.82
N ILE A 63 -13.57 -4.86 -1.95
CA ILE A 63 -12.57 -4.40 -0.97
C ILE A 63 -13.20 -4.29 0.42
N GLU A 64 -14.38 -3.69 0.48
CA GLU A 64 -15.10 -3.50 1.74
C GLU A 64 -15.33 -4.83 2.46
N TYR A 65 -15.85 -5.82 1.72
CA TYR A 65 -16.24 -7.09 2.32
C TYR A 65 -15.08 -8.05 2.57
N TYR A 66 -14.05 -7.98 1.72
CA TYR A 66 -12.82 -8.76 1.93
C TYR A 66 -12.10 -8.30 3.19
N GLN A 67 -12.17 -7.00 3.46
CA GLN A 67 -11.51 -6.39 4.61
C GLN A 67 -11.92 -7.07 5.92
N LYS A 68 -13.22 -7.27 6.10
CA LYS A 68 -13.74 -7.88 7.32
C LYS A 68 -13.52 -9.39 7.35
N ALA A 69 -13.50 -10.02 6.18
CA ALA A 69 -13.16 -11.44 6.05
C ALA A 69 -11.71 -11.68 6.44
N LEU A 70 -10.88 -10.68 6.21
CA LEU A 70 -9.45 -10.74 6.56
C LEU A 70 -9.21 -10.26 7.99
N GLU A 71 -10.17 -9.53 8.56
CA GLU A 71 -10.09 -9.14 9.95
C GLU A 71 -10.44 -10.32 10.86
N LEU A 72 -11.34 -11.18 10.38
CA LEU A 72 -11.78 -12.35 11.12
C LEU A 72 -10.95 -13.59 10.76
N ASP A 73 -10.39 -13.61 9.56
CA ASP A 73 -9.47 -14.66 9.15
C ASP A 73 -8.33 -14.09 8.30
N PRO A 74 -7.22 -13.79 8.95
CA PRO A 74 -6.07 -13.15 8.28
C PRO A 74 -5.22 -14.22 7.58
N ASN A 75 -5.54 -15.48 7.79
CA ASN A 75 -4.81 -16.58 7.14
C ASN A 75 -5.39 -16.95 5.78
N ASN A 76 -6.49 -16.31 5.40
CA ASN A 76 -7.12 -16.52 4.10
C ASN A 76 -6.32 -15.85 2.98
N ALA A 77 -5.39 -16.61 2.40
CA ALA A 77 -4.47 -16.11 1.39
C ALA A 77 -5.17 -15.72 0.08
N LYS A 78 -6.25 -16.43 -0.23
CA LYS A 78 -7.05 -16.18 -1.43
C LYS A 78 -7.74 -14.82 -1.33
N ALA A 79 -8.25 -14.51 -0.15
CA ALA A 79 -8.89 -13.22 0.11
C ALA A 79 -7.89 -12.07 -0.01
N TRP A 80 -6.69 -12.27 0.54
CA TRP A 80 -5.61 -11.28 0.43
C TRP A 80 -5.30 -11.00 -1.04
N TYR A 81 -5.19 -12.07 -1.81
CA TYR A 81 -4.87 -11.97 -3.23
C TYR A 81 -5.95 -11.26 -4.02
N ARG A 82 -7.22 -11.61 -3.77
CA ARG A 82 -8.32 -11.01 -4.51
C ARG A 82 -8.57 -9.54 -4.15
N ARG A 83 -8.34 -9.17 -2.89
CA ARG A 83 -8.39 -7.76 -2.51
C ARG A 83 -7.23 -7.00 -3.16
N GLY A 84 -6.13 -7.72 -3.39
CA GLY A 84 -4.99 -7.18 -4.12
C GLY A 84 -5.30 -6.84 -5.57
N ASN A 85 -6.04 -7.71 -6.25
CA ASN A 85 -6.52 -7.42 -7.61
C ASN A 85 -7.50 -6.25 -7.62
N ALA A 86 -8.47 -6.30 -6.70
CA ALA A 86 -9.44 -5.22 -6.54
C ALA A 86 -8.73 -3.87 -6.45
N TYR A 87 -7.79 -3.75 -5.51
CA TYR A 87 -7.02 -2.53 -5.34
C TYR A 87 -6.30 -2.12 -6.63
N TYR A 88 -5.70 -3.11 -7.30
CA TYR A 88 -5.01 -2.89 -8.57
C TYR A 88 -5.93 -2.34 -9.66
N LYS A 89 -7.13 -2.91 -9.77
CA LYS A 89 -8.12 -2.46 -10.74
C LYS A 89 -8.45 -0.99 -10.51
N GLN A 90 -8.55 -0.62 -9.24
CA GLN A 90 -8.84 0.74 -8.83
C GLN A 90 -7.63 1.67 -8.94
N GLY A 91 -6.50 1.13 -9.37
CA GLY A 91 -5.27 1.89 -9.48
C GLY A 91 -4.69 2.24 -8.13
N ASP A 92 -5.03 1.44 -7.11
CA ASP A 92 -4.37 1.52 -5.82
C ASP A 92 -3.19 0.57 -5.73
N TYR A 93 -2.03 1.01 -6.19
CA TYR A 93 -0.91 0.11 -6.47
C TYR A 93 -0.11 -0.18 -5.20
N GLN A 94 -0.20 0.73 -4.24
CA GLN A 94 0.44 0.53 -2.93
C GLN A 94 -0.23 -0.57 -2.10
N LYS A 95 -1.55 -0.44 -1.92
CA LYS A 95 -2.33 -1.45 -1.19
C LYS A 95 -2.44 -2.77 -1.95
N ALA A 96 -2.36 -2.71 -3.28
CA ALA A 96 -2.26 -3.91 -4.11
C ALA A 96 -0.98 -4.68 -3.79
N ILE A 97 0.16 -3.99 -3.81
CA ILE A 97 1.44 -4.58 -3.45
C ILE A 97 1.39 -5.12 -2.01
N GLU A 98 0.85 -4.31 -1.11
CA GLU A 98 0.71 -4.68 0.29
C GLU A 98 -0.04 -5.99 0.46
N ASP A 99 -1.18 -6.13 -0.22
CA ASP A 99 -2.00 -7.33 -0.13
C ASP A 99 -1.39 -8.53 -0.87
N TYR A 100 -0.72 -8.29 -1.99
CA TYR A 100 -0.10 -9.38 -2.76
C TYR A 100 1.00 -10.10 -1.97
N GLN A 101 1.84 -9.33 -1.28
CA GLN A 101 2.93 -9.88 -0.50
C GLN A 101 2.44 -10.72 0.68
N LYS A 102 1.35 -10.25 1.30
CA LYS A 102 0.77 -10.92 2.45
C LYS A 102 0.15 -12.26 2.04
N ALA A 103 -0.32 -12.34 0.79
CA ALA A 103 -0.85 -13.57 0.23
C ALA A 103 0.24 -14.59 -0.11
N LEU A 104 1.43 -14.08 -0.45
CA LEU A 104 2.56 -14.94 -0.81
C LEU A 104 3.34 -15.43 0.40
N GLU A 105 3.32 -14.65 1.49
CA GLU A 105 3.94 -15.05 2.75
C GLU A 105 3.23 -16.24 3.39
N LEU A 106 2.00 -16.47 2.95
CA LEU A 106 1.22 -17.63 3.39
C LEU A 106 1.27 -18.77 2.35
N ASP A 107 2.11 -18.59 1.34
CA ASP A 107 2.30 -19.56 0.27
C ASP A 107 3.75 -20.07 0.25
N PRO A 108 3.96 -21.36 0.60
CA PRO A 108 5.32 -21.89 0.64
C PRO A 108 5.79 -22.39 -0.73
N SER B 8 -30.65 27.42 -15.24
CA SER B 8 -29.49 27.07 -14.37
C SER B 8 -28.86 25.73 -14.79
N ALA B 9 -27.64 25.80 -15.30
CA ALA B 9 -26.93 24.62 -15.79
C ALA B 9 -26.15 23.90 -14.70
N GLU B 10 -25.50 24.68 -13.82
CA GLU B 10 -24.65 24.13 -12.77
C GLU B 10 -25.39 23.84 -11.46
N ALA B 11 -26.69 23.60 -11.57
CA ALA B 11 -27.53 23.24 -10.43
C ALA B 11 -27.21 21.84 -9.91
N TRP B 12 -26.96 20.92 -10.84
CA TRP B 12 -26.60 19.53 -10.50
C TRP B 12 -25.25 19.45 -9.82
N LYS B 13 -24.32 20.32 -10.24
CA LYS B 13 -22.97 20.36 -9.68
C LYS B 13 -23.00 20.58 -8.17
N ASN B 14 -23.74 21.62 -7.70
CA ASN B 14 -23.80 22.00 -6.28
C ASN B 14 -24.57 20.99 -5.43
N LEU B 15 -25.51 20.28 -6.03
CA LEU B 15 -26.17 19.14 -5.38
C LEU B 15 -25.17 17.99 -5.26
N GLY B 16 -24.35 17.80 -6.28
CA GLY B 16 -23.24 16.85 -6.25
C GLY B 16 -22.22 17.24 -5.21
N ASN B 17 -21.93 18.54 -5.12
CA ASN B 17 -21.01 19.07 -4.11
C ASN B 17 -21.52 18.83 -2.70
N ALA B 18 -22.85 18.88 -2.55
CA ALA B 18 -23.50 18.71 -1.25
C ALA B 18 -23.35 17.29 -0.72
N TYR B 19 -23.54 16.31 -1.60
CA TYR B 19 -23.36 14.90 -1.25
C TYR B 19 -21.89 14.59 -0.98
N TYR B 20 -21.02 15.11 -1.86
CA TYR B 20 -19.56 14.97 -1.73
C TYR B 20 -19.09 15.38 -0.34
N LYS B 21 -19.49 16.58 0.08
CA LYS B 21 -19.12 17.12 1.39
C LYS B 21 -19.76 16.34 2.55
N GLN B 22 -20.87 15.67 2.27
CA GLN B 22 -21.57 14.89 3.28
C GLN B 22 -20.98 13.50 3.42
N GLY B 23 -19.75 13.33 2.94
CA GLY B 23 -19.07 12.05 3.01
C GLY B 23 -19.47 11.12 1.88
N ASP B 24 -20.72 11.24 1.44
CA ASP B 24 -21.24 10.41 0.35
C ASP B 24 -20.65 10.83 -0.99
N TYR B 25 -20.05 9.88 -1.69
CA TYR B 25 -19.46 10.15 -3.00
C TYR B 25 -20.11 9.35 -4.12
N GLN B 26 -20.93 8.38 -3.75
CA GLN B 26 -21.65 7.58 -4.74
C GLN B 26 -22.77 8.41 -5.39
N LYS B 27 -23.46 9.19 -4.58
CA LYS B 27 -24.53 10.07 -5.07
C LYS B 27 -23.98 11.38 -5.64
N ALA B 28 -22.75 11.72 -5.25
CA ALA B 28 -22.06 12.87 -5.82
C ALA B 28 -21.70 12.62 -7.28
N ILE B 29 -21.18 11.42 -7.55
CA ILE B 29 -20.87 10.98 -8.91
C ILE B 29 -22.12 11.03 -9.79
N GLU B 30 -23.23 10.52 -9.25
CA GLU B 30 -24.50 10.44 -9.97
C GLU B 30 -24.91 11.80 -10.53
N TYR B 31 -24.68 12.85 -9.75
CA TYR B 31 -25.08 14.20 -10.14
C TYR B 31 -23.98 14.98 -10.86
N TYR B 32 -22.73 14.50 -10.74
CA TYR B 32 -21.63 15.03 -11.52
C TYR B 32 -21.71 14.53 -12.95
N GLN B 33 -22.09 13.26 -13.10
CA GLN B 33 -22.27 12.64 -14.42
C GLN B 33 -23.46 13.26 -15.16
N LYS B 34 -24.53 13.53 -14.42
CA LYS B 34 -25.74 14.12 -15.00
C LYS B 34 -25.50 15.58 -15.39
N ALA B 35 -24.38 16.14 -14.95
CA ALA B 35 -24.00 17.49 -15.33
C ALA B 35 -23.47 17.54 -16.76
N LEU B 36 -22.65 16.56 -17.12
CA LEU B 36 -22.34 16.28 -18.52
C LEU B 36 -22.38 14.78 -18.80
N GLU B 37 -23.24 14.39 -19.72
CA GLU B 37 -24.53 15.10 -19.95
C GLU B 37 -24.49 16.59 -20.32
N LEU B 38 -25.13 17.42 -19.49
CA LEU B 38 -25.41 18.83 -19.80
C LEU B 38 -24.28 19.63 -20.48
N ASP B 39 -23.04 19.33 -20.12
CA ASP B 39 -21.90 20.01 -20.71
C ASP B 39 -20.78 18.97 -20.66
N PRO B 40 -20.22 18.64 -21.82
CA PRO B 40 -19.18 17.62 -21.92
C PRO B 40 -17.87 18.41 -21.94
N ASN B 41 -17.96 19.71 -22.19
CA ASN B 41 -16.79 20.59 -22.27
C ASN B 41 -16.46 21.30 -20.95
N ASN B 42 -17.35 21.19 -19.97
CA ASN B 42 -17.17 21.82 -18.66
C ASN B 42 -16.01 21.20 -17.88
N ALA B 43 -14.87 21.88 -17.90
CA ALA B 43 -13.64 21.39 -17.26
C ALA B 43 -13.78 21.19 -15.76
N SER B 44 -14.54 22.07 -15.10
CA SER B 44 -14.80 21.99 -13.67
C SER B 44 -15.61 20.75 -13.29
N ALA B 45 -16.42 20.27 -14.22
CA ALA B 45 -17.24 19.07 -14.01
C ALA B 45 -16.40 17.79 -14.01
N TRP B 46 -15.37 17.76 -14.87
CA TRP B 46 -14.45 16.64 -14.94
C TRP B 46 -13.57 16.59 -13.70
N TYR B 47 -13.14 17.76 -13.25
CA TYR B 47 -12.33 17.92 -12.05
C TYR B 47 -13.07 17.43 -10.80
N ASN B 48 -14.30 17.94 -10.62
CA ASN B 48 -15.13 17.59 -9.47
C ASN B 48 -15.47 16.11 -9.42
N LEU B 49 -15.69 15.52 -10.59
CA LEU B 49 -15.96 14.11 -10.72
C LEU B 49 -14.73 13.30 -10.28
N GLY B 50 -13.55 13.78 -10.66
CA GLY B 50 -12.28 13.17 -10.26
C GLY B 50 -12.06 13.14 -8.76
N ASN B 51 -12.46 14.22 -8.07
CA ASN B 51 -12.38 14.31 -6.61
C ASN B 51 -13.15 13.20 -5.92
N ALA B 52 -14.37 12.93 -6.40
CA ALA B 52 -15.23 11.90 -5.86
C ALA B 52 -14.57 10.52 -5.93
N TYR B 53 -14.08 10.16 -7.12
CA TYR B 53 -13.38 8.90 -7.33
C TYR B 53 -12.13 8.81 -6.46
N TYR B 54 -11.37 9.91 -6.41
CA TYR B 54 -10.19 10.02 -5.54
C TYR B 54 -10.58 9.72 -4.10
N LYS B 55 -11.66 10.35 -3.63
CA LYS B 55 -12.12 10.17 -2.25
C LYS B 55 -12.69 8.77 -2.04
N GLN B 56 -13.26 8.19 -3.08
CA GLN B 56 -13.73 6.79 -3.06
C GLN B 56 -12.58 5.79 -3.00
N GLY B 57 -11.41 6.21 -3.46
CA GLY B 57 -10.22 5.35 -3.49
C GLY B 57 -9.93 4.81 -4.87
N ASP B 58 -10.67 5.30 -5.87
CA ASP B 58 -10.50 4.87 -7.25
C ASP B 58 -9.56 5.84 -7.97
N TYR B 59 -8.27 5.68 -7.70
CA TYR B 59 -7.24 6.60 -8.20
C TYR B 59 -7.04 6.52 -9.71
N GLN B 60 -7.21 5.34 -10.28
CA GLN B 60 -7.11 5.16 -11.73
C GLN B 60 -8.11 6.05 -12.45
N LYS B 61 -9.34 6.09 -11.95
CA LYS B 61 -10.38 6.94 -12.51
C LYS B 61 -10.15 8.41 -12.18
N ALA B 62 -9.77 8.70 -10.93
CA ALA B 62 -9.45 10.07 -10.53
C ALA B 62 -8.44 10.70 -11.51
N ILE B 63 -7.34 10.00 -11.77
CA ILE B 63 -6.30 10.45 -12.70
C ILE B 63 -6.84 10.63 -14.11
N GLU B 64 -7.67 9.67 -14.54
CA GLU B 64 -8.33 9.70 -15.83
C GLU B 64 -9.17 10.97 -15.99
N TYR B 65 -9.95 11.29 -14.96
CA TYR B 65 -10.87 12.44 -14.99
C TYR B 65 -10.17 13.77 -14.73
N TYR B 66 -9.14 13.77 -13.89
CA TYR B 66 -8.33 14.97 -13.63
C TYR B 66 -7.60 15.44 -14.88
N GLN B 67 -7.07 14.47 -15.64
CA GLN B 67 -6.35 14.75 -16.87
C GLN B 67 -7.23 15.49 -17.89
N LYS B 68 -8.48 15.06 -18.01
CA LYS B 68 -9.45 15.69 -18.92
C LYS B 68 -9.82 17.11 -18.48
N ALA B 69 -9.71 17.38 -17.18
CA ALA B 69 -9.90 18.73 -16.65
C ALA B 69 -8.73 19.63 -17.06
N LEU B 70 -7.56 19.02 -17.21
CA LEU B 70 -6.35 19.74 -17.62
C LEU B 70 -6.30 19.93 -19.13
N GLU B 71 -6.80 18.94 -19.87
CA GLU B 71 -6.85 18.99 -21.34
C GLU B 71 -7.79 20.08 -21.86
N LEU B 72 -8.75 20.48 -21.04
CA LEU B 72 -9.70 21.53 -21.38
C LEU B 72 -9.29 22.88 -20.77
N ASP B 73 -8.81 22.84 -19.53
CA ASP B 73 -8.36 24.05 -18.83
C ASP B 73 -7.02 23.81 -18.12
N PRO B 74 -5.89 24.07 -18.82
CA PRO B 74 -4.55 23.85 -18.28
C PRO B 74 -4.11 24.90 -17.25
N ASN B 75 -4.95 25.89 -16.98
CA ASN B 75 -4.65 26.92 -16.00
C ASN B 75 -5.17 26.62 -14.60
N ASN B 76 -6.03 25.61 -14.49
CA ASN B 76 -6.55 25.15 -13.22
C ASN B 76 -5.47 24.43 -12.42
N ALA B 77 -4.73 25.21 -11.62
CA ALA B 77 -3.64 24.68 -10.80
C ALA B 77 -4.11 23.64 -9.78
N LYS B 78 -5.36 23.78 -9.35
CA LYS B 78 -5.98 22.84 -8.41
C LYS B 78 -6.05 21.43 -9.00
N ALA B 79 -6.33 21.36 -10.30
CA ALA B 79 -6.42 20.09 -11.01
C ALA B 79 -5.04 19.46 -11.22
N TRP B 80 -4.02 20.31 -11.43
CA TRP B 80 -2.64 19.86 -11.52
C TRP B 80 -2.15 19.30 -10.19
N TYR B 81 -2.51 19.98 -9.10
CA TYR B 81 -2.14 19.59 -7.75
C TYR B 81 -2.78 18.28 -7.31
N ARG B 82 -4.06 18.11 -7.63
CA ARG B 82 -4.81 16.95 -7.15
C ARG B 82 -4.55 15.68 -7.94
N ARG B 83 -4.14 15.81 -9.20
CA ARG B 83 -3.62 14.68 -9.97
C ARG B 83 -2.25 14.29 -9.40
N GLY B 84 -1.52 15.30 -8.91
CA GLY B 84 -0.27 15.08 -8.19
C GLY B 84 -0.52 14.25 -6.95
N ASN B 85 -1.56 14.62 -6.20
CA ASN B 85 -2.01 13.86 -5.03
C ASN B 85 -2.38 12.41 -5.32
N ALA B 86 -3.08 12.19 -6.43
CA ALA B 86 -3.45 10.84 -6.87
C ALA B 86 -2.23 10.01 -7.25
N TYR B 87 -1.33 10.59 -8.05
CA TYR B 87 -0.07 9.96 -8.41
C TYR B 87 0.76 9.59 -7.17
N TYR B 88 0.69 10.44 -6.15
CA TYR B 88 1.39 10.24 -4.89
C TYR B 88 0.83 9.03 -4.13
N LYS B 89 -0.48 8.95 -4.00
CA LYS B 89 -1.15 7.83 -3.35
C LYS B 89 -0.77 6.49 -3.98
N GLN B 90 -0.63 6.51 -5.31
CA GLN B 90 -0.23 5.34 -6.09
C GLN B 90 1.23 4.95 -5.83
N GLY B 91 2.06 5.94 -5.53
CA GLY B 91 3.50 5.71 -5.33
C GLY B 91 4.35 6.16 -6.51
N ASP B 92 3.69 6.71 -7.54
CA ASP B 92 4.36 7.22 -8.72
C ASP B 92 4.83 8.65 -8.47
N TYR B 93 5.87 8.77 -7.64
CA TYR B 93 6.36 10.07 -7.18
C TYR B 93 6.91 10.98 -8.28
N GLN B 94 7.46 10.37 -9.33
CA GLN B 94 7.90 11.13 -10.50
C GLN B 94 6.75 11.93 -11.11
N LYS B 95 5.66 11.23 -11.41
CA LYS B 95 4.47 11.86 -12.00
C LYS B 95 3.82 12.85 -11.02
N ALA B 96 4.04 12.64 -9.72
CA ALA B 96 3.56 13.56 -8.70
C ALA B 96 4.37 14.85 -8.71
N ILE B 97 5.69 14.71 -8.59
CA ILE B 97 6.61 15.86 -8.63
C ILE B 97 6.38 16.70 -9.88
N GLU B 98 6.33 16.04 -11.04
CA GLU B 98 6.05 16.68 -12.32
C GLU B 98 4.78 17.54 -12.27
N ASP B 99 3.71 16.95 -11.73
CA ASP B 99 2.42 17.63 -11.60
C ASP B 99 2.44 18.73 -10.53
N TYR B 100 3.21 18.51 -9.47
CA TYR B 100 3.32 19.46 -8.37
C TYR B 100 4.02 20.73 -8.80
N GLN B 101 5.07 20.58 -9.61
CA GLN B 101 5.83 21.71 -10.14
C GLN B 101 5.00 22.58 -11.07
N LYS B 102 4.17 21.94 -11.90
CA LYS B 102 3.31 22.63 -12.86
C LYS B 102 2.24 23.48 -12.17
N ALA B 103 1.73 22.99 -11.04
CA ALA B 103 0.73 23.71 -10.26
C ALA B 103 1.32 24.96 -9.58
N LEU B 104 2.57 24.85 -9.14
CA LEU B 104 3.25 25.93 -8.44
C LEU B 104 3.70 27.05 -9.37
N GLU B 105 3.86 26.73 -10.65
CA GLU B 105 4.25 27.69 -11.67
C GLU B 105 3.11 28.66 -12.02
N LEU B 106 1.88 28.19 -11.86
CA LEU B 106 0.70 28.99 -12.16
C LEU B 106 0.28 29.85 -10.97
N ASP B 107 0.14 29.24 -9.81
CA ASP B 107 -0.26 29.95 -8.59
C ASP B 107 0.95 30.29 -7.72
N ASN C 7 0.34 3.19 10.00
CA ASN C 7 -0.49 2.61 11.11
C ASN C 7 0.34 1.96 12.20
N SER C 8 -0.07 2.20 13.44
CA SER C 8 0.58 1.61 14.61
C SER C 8 -0.47 1.09 15.60
N ALA C 9 -0.42 -0.20 15.98
CA ALA C 9 0.57 -1.22 15.55
C ALA C 9 1.95 -1.13 16.23
N GLU C 10 2.86 -0.37 15.64
CA GLU C 10 4.25 -0.26 16.12
C GLU C 10 4.38 0.52 17.43
N ALA C 11 3.37 1.34 17.75
CA ALA C 11 3.39 2.17 18.95
C ALA C 11 3.32 1.36 20.24
N TRP C 12 2.58 0.25 20.21
CA TRP C 12 2.43 -0.60 21.40
C TRP C 12 3.73 -1.25 21.85
N LYS C 13 4.49 -1.82 20.93
CA LYS C 13 5.74 -2.38 21.34
C LYS C 13 6.73 -1.29 21.69
N ASN C 14 6.77 -0.25 20.89
CA ASN C 14 7.67 0.86 21.16
C ASN C 14 7.48 1.42 22.57
N LEU C 15 6.24 1.35 23.06
CA LEU C 15 5.94 1.69 24.44
C LEU C 15 6.52 0.66 25.39
N GLY C 16 6.39 -0.62 25.02
CA GLY C 16 6.98 -1.73 25.77
C GLY C 16 8.50 -1.71 25.75
N ASN C 17 9.06 -1.33 24.61
CA ASN C 17 10.52 -1.20 24.44
C ASN C 17 11.11 -0.15 25.36
N ALA C 18 10.40 0.97 25.50
CA ALA C 18 10.81 2.04 26.41
C ALA C 18 10.85 1.55 27.85
N TYR C 19 9.87 0.73 28.23
CA TYR C 19 9.82 0.13 29.57
C TYR C 19 10.90 -0.93 29.76
N TYR C 20 11.26 -1.62 28.69
CA TYR C 20 12.35 -2.60 28.71
C TYR C 20 13.71 -1.95 28.98
N LYS C 21 13.96 -0.81 28.33
CA LYS C 21 15.23 -0.11 28.44
C LYS C 21 15.46 0.47 29.82
N GLN C 22 14.39 0.99 30.43
CA GLN C 22 14.46 1.52 31.79
C GLN C 22 14.66 0.41 32.80
N GLY C 23 13.90 -0.67 32.65
CA GLY C 23 14.08 -1.86 33.47
C GLY C 23 12.75 -2.48 33.88
N ASP C 24 11.65 -1.87 33.43
CA ASP C 24 10.32 -2.37 33.76
C ASP C 24 9.89 -3.45 32.77
N TYR C 25 10.26 -4.70 33.07
CA TYR C 25 9.98 -5.81 32.17
C TYR C 25 8.53 -6.28 32.26
N GLN C 26 7.88 -5.99 33.38
CA GLN C 26 6.50 -6.39 33.61
C GLN C 26 5.55 -5.63 32.69
N LYS C 27 5.63 -4.30 32.73
CA LYS C 27 4.79 -3.46 31.87
C LYS C 27 5.18 -3.61 30.40
N ALA C 28 6.46 -3.90 30.16
CA ALA C 28 6.93 -4.20 28.82
C ALA C 28 6.09 -5.33 28.21
N ILE C 29 6.00 -6.44 28.93
CA ILE C 29 5.17 -7.58 28.53
C ILE C 29 3.72 -7.15 28.23
N GLU C 30 3.11 -6.42 29.16
CA GLU C 30 1.75 -5.92 29.02
C GLU C 30 1.51 -5.20 27.68
N TYR C 31 2.46 -4.36 27.29
CA TYR C 31 2.36 -3.59 26.04
C TYR C 31 2.80 -4.40 24.82
N TYR C 32 3.66 -5.39 25.04
CA TYR C 32 3.99 -6.37 23.99
C TYR C 32 2.77 -7.25 23.69
N GLN C 33 2.07 -7.65 24.76
CA GLN C 33 0.86 -8.46 24.64
C GLN C 33 -0.24 -7.72 23.90
N LYS C 34 -0.34 -6.41 24.15
CA LYS C 34 -1.33 -5.55 23.50
C LYS C 34 -1.03 -5.40 22.01
N ALA C 35 0.25 -5.44 21.66
CA ALA C 35 0.69 -5.36 20.26
C ALA C 35 0.34 -6.62 19.49
N LEU C 36 0.50 -7.78 20.13
CA LEU C 36 0.23 -9.06 19.48
C LEU C 36 -1.28 -9.35 19.34
N GLU C 37 -2.09 -8.64 20.12
CA GLU C 37 -3.54 -8.74 20.01
C GLU C 37 -4.02 -8.22 18.66
N LEU C 38 -3.42 -7.12 18.21
CA LEU C 38 -3.79 -6.49 16.94
C LEU C 38 -3.00 -7.04 15.76
N ASP C 39 -1.68 -7.20 15.95
CA ASP C 39 -0.82 -7.77 14.91
C ASP C 39 -0.04 -8.98 15.44
N PRO C 40 -0.64 -10.18 15.31
CA PRO C 40 0.00 -11.43 15.75
C PRO C 40 1.14 -11.87 14.82
N ASN C 41 1.24 -11.24 13.66
CA ASN C 41 2.26 -11.57 12.67
C ASN C 41 3.56 -10.76 12.80
N ASN C 42 3.59 -9.86 13.77
CA ASN C 42 4.78 -9.04 14.02
C ASN C 42 5.90 -9.85 14.68
N ALA C 43 6.88 -10.24 13.87
CA ALA C 43 8.01 -11.06 14.33
C ALA C 43 8.89 -10.32 15.35
N SER C 44 9.01 -9.01 15.18
CA SER C 44 9.73 -8.15 16.11
C SER C 44 9.13 -8.20 17.51
N ALA C 45 7.80 -8.24 17.58
CA ALA C 45 7.08 -8.26 18.85
C ALA C 45 7.31 -9.55 19.66
N TRP C 46 7.23 -10.71 19.00
CA TRP C 46 7.49 -12.00 19.63
C TRP C 46 8.91 -12.08 20.18
N TYR C 47 9.86 -11.58 19.39
CA TYR C 47 11.27 -11.53 19.77
C TYR C 47 11.51 -10.67 21.02
N ASN C 48 10.92 -9.48 21.03
CA ASN C 48 11.02 -8.58 22.18
C ASN C 48 10.32 -9.14 23.42
N LEU C 49 9.25 -9.90 23.19
CA LEU C 49 8.55 -10.58 24.27
C LEU C 49 9.43 -11.66 24.88
N GLY C 50 10.18 -12.35 24.02
CA GLY C 50 11.15 -13.35 24.45
C GLY C 50 12.26 -12.76 25.31
N ASN C 51 12.62 -11.50 25.04
CA ASN C 51 13.65 -10.78 25.79
C ASN C 51 13.24 -10.45 27.23
N ALA C 52 12.00 -9.99 27.38
CA ALA C 52 11.48 -9.60 28.70
C ALA C 52 11.41 -10.79 29.65
N TYR C 53 10.89 -11.91 29.15
CA TYR C 53 10.82 -13.15 29.92
C TYR C 53 12.21 -13.70 30.23
N TYR C 54 13.14 -13.48 29.30
CA TYR C 54 14.53 -13.89 29.47
C TYR C 54 15.21 -13.10 30.57
N LYS C 55 15.02 -11.78 30.53
CA LYS C 55 15.62 -10.88 31.52
C LYS C 55 14.99 -11.06 32.90
N GLN C 56 13.76 -11.61 32.92
CA GLN C 56 13.09 -12.00 34.17
C GLN C 56 13.67 -13.29 34.73
N GLY C 57 14.09 -14.19 33.84
CA GLY C 57 14.62 -15.49 34.22
C GLY C 57 13.71 -16.64 33.83
N ASP C 58 12.54 -16.31 33.30
CA ASP C 58 11.60 -17.31 32.79
C ASP C 58 12.04 -17.72 31.39
N TYR C 59 12.89 -18.73 31.31
CA TYR C 59 13.45 -19.17 30.03
C TYR C 59 12.51 -20.06 29.24
N GLN C 60 11.62 -20.77 29.94
CA GLN C 60 10.62 -21.64 29.31
C GLN C 60 9.77 -20.87 28.30
N LYS C 61 9.21 -19.74 28.75
CA LYS C 61 8.39 -18.89 27.89
C LYS C 61 9.22 -18.10 26.89
N ALA C 62 10.45 -17.76 27.26
CA ALA C 62 11.36 -17.07 26.35
C ALA C 62 11.59 -17.91 25.08
N ILE C 63 11.89 -19.19 25.27
CA ILE C 63 12.02 -20.15 24.17
C ILE C 63 10.72 -20.21 23.35
N GLU C 64 9.58 -20.23 24.04
CA GLU C 64 8.27 -20.25 23.39
C GLU C 64 8.08 -19.05 22.48
N TYR C 65 8.45 -17.86 22.96
CA TYR C 65 8.23 -16.61 22.23
C TYR C 65 9.30 -16.33 21.19
N TYR C 66 10.55 -16.70 21.49
CA TYR C 66 11.63 -16.65 20.49
C TYR C 66 11.34 -17.56 19.31
N GLN C 67 10.72 -18.71 19.59
CA GLN C 67 10.33 -19.66 18.55
C GLN C 67 9.30 -19.01 17.60
N LYS C 68 8.36 -18.27 18.18
CA LYS C 68 7.34 -17.55 17.41
C LYS C 68 7.92 -16.46 16.52
N ALA C 69 9.13 -16.01 16.82
CA ALA C 69 9.82 -15.02 16.01
C ALA C 69 10.61 -15.67 14.85
N LEU C 70 11.08 -16.90 15.09
CA LEU C 70 11.84 -17.64 14.09
C LEU C 70 10.93 -18.23 13.01
N GLU C 71 9.75 -18.67 13.43
CA GLU C 71 8.77 -19.26 12.53
C GLU C 71 8.17 -18.19 11.59
N LEU C 72 8.28 -16.93 12.00
CA LEU C 72 7.85 -15.81 11.18
C LEU C 72 9.03 -15.17 10.44
N ASP C 73 10.20 -15.17 11.07
CA ASP C 73 11.39 -14.57 10.50
C ASP C 73 12.62 -15.44 10.82
N PRO C 74 12.95 -16.39 9.93
CA PRO C 74 14.08 -17.30 10.14
C PRO C 74 15.44 -16.65 9.88
N ASN C 75 15.42 -15.40 9.40
CA ASN C 75 16.64 -14.66 9.13
C ASN C 75 17.14 -13.85 10.32
N ASN C 76 16.28 -13.65 11.31
CA ASN C 76 16.66 -12.98 12.54
C ASN C 76 17.64 -13.83 13.35
N ALA C 77 18.92 -13.60 13.11
CA ALA C 77 19.99 -14.34 13.77
C ALA C 77 20.04 -14.05 15.27
N LYS C 78 19.67 -12.82 15.63
CA LYS C 78 19.63 -12.38 17.03
C LYS C 78 18.65 -13.22 17.84
N ALA C 79 17.60 -13.68 17.17
CA ALA C 79 16.61 -14.55 17.79
C ALA C 79 17.16 -15.96 17.97
N TRP C 80 17.85 -16.47 16.95
CA TRP C 80 18.51 -17.78 17.02
C TRP C 80 19.55 -17.78 18.14
N TYR C 81 20.29 -16.68 18.25
CA TYR C 81 21.33 -16.54 19.26
C TYR C 81 20.75 -16.52 20.68
N ARG C 82 19.74 -15.69 20.91
CA ARG C 82 19.20 -15.49 22.25
C ARG C 82 18.34 -16.66 22.76
N ARG C 83 17.72 -17.39 21.83
CA ARG C 83 17.03 -18.64 22.20
C ARG C 83 18.06 -19.72 22.51
N GLY C 84 19.20 -19.65 21.83
CA GLY C 84 20.34 -20.50 22.16
C GLY C 84 20.73 -20.30 23.60
N ASN C 85 20.87 -19.04 24.00
CA ASN C 85 21.16 -18.69 25.39
C ASN C 85 20.11 -19.20 26.39
N ALA C 86 18.85 -19.12 26.00
CA ALA C 86 17.77 -19.64 26.83
C ALA C 86 17.86 -21.16 26.98
N TYR C 87 18.25 -21.84 25.91
CA TYR C 87 18.55 -23.27 25.96
C TYR C 87 19.78 -23.54 26.81
N TYR C 88 20.78 -22.65 26.71
CA TYR C 88 22.01 -22.78 27.47
C TYR C 88 21.77 -22.64 28.97
N LYS C 89 20.92 -21.68 29.33
CA LYS C 89 20.60 -21.39 30.75
C LYS C 89 19.82 -22.54 31.39
N GLN C 90 18.99 -23.21 30.60
CA GLN C 90 18.20 -24.34 31.06
C GLN C 90 19.04 -25.61 31.23
N GLY C 91 20.20 -25.63 30.57
CA GLY C 91 21.08 -26.79 30.57
C GLY C 91 20.90 -27.65 29.34
N ASP C 92 20.00 -27.23 28.46
CA ASP C 92 19.77 -27.92 27.18
C ASP C 92 20.84 -27.47 26.19
N TYR C 93 22.03 -28.04 26.33
CA TYR C 93 23.18 -27.64 25.54
C TYR C 93 23.12 -28.13 24.09
N GLN C 94 22.40 -29.24 23.86
CA GLN C 94 22.22 -29.77 22.51
C GLN C 94 21.52 -28.75 21.61
N LYS C 95 20.38 -28.26 22.08
CA LYS C 95 19.60 -27.27 21.32
C LYS C 95 20.25 -25.89 21.33
N ALA C 96 21.05 -25.63 22.36
CA ALA C 96 21.84 -24.40 22.42
C ALA C 96 22.82 -24.36 21.25
N ILE C 97 23.51 -25.47 21.01
CA ILE C 97 24.43 -25.62 19.88
C ILE C 97 23.70 -25.36 18.57
N GLU C 98 22.68 -26.16 18.29
CA GLU C 98 21.90 -26.08 17.05
C GLU C 98 21.49 -24.64 16.71
N ASP C 99 20.97 -23.92 17.72
CA ASP C 99 20.54 -22.53 17.55
C ASP C 99 21.70 -21.58 17.27
N TYR C 100 22.71 -21.61 18.12
CA TYR C 100 23.87 -20.73 17.98
C TYR C 100 24.62 -20.98 16.67
N GLN C 101 24.61 -22.24 16.21
CA GLN C 101 25.19 -22.61 14.92
C GLN C 101 24.42 -22.00 13.75
N LYS C 102 23.10 -21.90 13.91
CA LYS C 102 22.23 -21.32 12.89
C LYS C 102 22.34 -19.80 12.85
N ALA C 103 22.69 -19.20 13.99
CA ALA C 103 22.83 -17.74 14.12
C ALA C 103 24.09 -17.20 13.43
N LEU C 104 25.14 -18.02 13.40
CA LEU C 104 26.42 -17.61 12.82
C LEU C 104 26.52 -17.90 11.32
N GLU C 105 25.74 -18.87 10.86
CA GLU C 105 25.66 -19.22 9.44
C GLU C 105 25.03 -18.11 8.60
N LEU C 106 24.21 -17.28 9.26
CA LEU C 106 23.54 -16.15 8.60
C LEU C 106 24.41 -14.91 8.56
N ASP C 107 25.20 -14.69 9.62
CA ASP C 107 26.08 -13.52 9.70
C ASP C 107 27.34 -13.68 8.86
N ASN D 7 -1.70 -20.16 -10.87
CA ASN D 7 -2.10 -19.04 -9.95
C ASN D 7 -0.91 -18.39 -9.23
N SER D 8 0.14 -19.18 -8.98
CA SER D 8 1.36 -18.67 -8.37
C SER D 8 2.08 -17.72 -9.32
N ALA D 9 2.11 -18.10 -10.60
CA ALA D 9 2.69 -17.27 -11.66
C ALA D 9 1.89 -15.96 -11.85
N GLU D 10 0.58 -16.06 -11.71
CA GLU D 10 -0.31 -14.88 -11.77
C GLU D 10 -0.10 -13.94 -10.60
N ALA D 11 0.28 -14.49 -9.45
CA ALA D 11 0.51 -13.72 -8.24
C ALA D 11 1.75 -12.84 -8.37
N TRP D 12 2.84 -13.42 -8.87
CA TRP D 12 4.07 -12.67 -9.10
C TRP D 12 3.91 -11.70 -10.27
N LYS D 13 3.13 -12.12 -11.26
CA LYS D 13 2.86 -11.30 -12.46
C LYS D 13 2.19 -9.98 -12.09
N ASN D 14 1.13 -10.07 -11.28
CA ASN D 14 0.38 -8.89 -10.87
C ASN D 14 1.13 -8.00 -9.88
N LEU D 15 2.03 -8.62 -9.10
CA LEU D 15 2.93 -7.88 -8.23
C LEU D 15 3.89 -7.10 -9.13
N GLY D 16 4.26 -7.70 -10.26
CA GLY D 16 5.11 -7.06 -11.25
C GLY D 16 4.40 -5.85 -11.85
N ASN D 17 3.17 -6.06 -12.29
CA ASN D 17 2.34 -5.00 -12.87
C ASN D 17 2.25 -3.79 -11.95
N ALA D 18 1.83 -4.02 -10.71
CA ALA D 18 1.64 -2.96 -9.73
C ALA D 18 2.89 -2.10 -9.56
N TYR D 19 4.06 -2.74 -9.49
CA TYR D 19 5.32 -2.01 -9.41
C TYR D 19 5.61 -1.29 -10.73
N TYR D 20 5.38 -1.99 -11.84
CA TYR D 20 5.53 -1.41 -13.16
C TYR D 20 4.66 -0.16 -13.29
N LYS D 21 3.43 -0.25 -12.77
CA LYS D 21 2.47 0.87 -12.83
C LYS D 21 2.85 2.05 -11.92
N GLN D 22 3.69 1.80 -10.92
CA GLN D 22 4.27 2.87 -10.12
C GLN D 22 5.44 3.52 -10.86
N GLY D 23 6.09 2.75 -11.73
CA GLY D 23 7.30 3.21 -12.42
C GLY D 23 8.55 2.60 -11.82
N ASP D 24 8.36 1.71 -10.85
CA ASP D 24 9.46 0.98 -10.23
C ASP D 24 9.79 -0.25 -11.08
N TYR D 25 10.46 -0.01 -12.20
CA TYR D 25 10.72 -1.07 -13.18
C TYR D 25 11.77 -2.07 -12.72
N GLN D 26 12.66 -1.62 -11.83
CA GLN D 26 13.67 -2.50 -11.26
C GLN D 26 13.03 -3.67 -10.51
N LYS D 27 12.07 -3.35 -9.64
CA LYS D 27 11.35 -4.37 -8.89
C LYS D 27 10.30 -5.08 -9.74
N ALA D 28 9.81 -4.41 -10.77
CA ALA D 28 8.86 -5.01 -11.72
C ALA D 28 9.48 -6.19 -12.45
N ILE D 29 10.71 -6.01 -12.93
CA ILE D 29 11.48 -7.07 -13.62
C ILE D 29 11.72 -8.26 -12.69
N GLU D 30 12.05 -7.97 -11.43
CA GLU D 30 12.29 -9.00 -10.41
C GLU D 30 11.11 -9.97 -10.29
N TYR D 31 9.89 -9.43 -10.30
CA TYR D 31 8.69 -10.26 -10.12
C TYR D 31 8.16 -10.82 -11.43
N TYR D 32 8.53 -10.19 -12.54
CA TYR D 32 8.20 -10.73 -13.87
C TYR D 32 9.06 -11.94 -14.18
N GLN D 33 10.34 -11.88 -13.80
CA GLN D 33 11.26 -12.99 -13.98
C GLN D 33 10.85 -14.17 -13.12
N LYS D 34 10.41 -13.88 -11.89
CA LYS D 34 9.99 -14.90 -10.95
C LYS D 34 8.70 -15.57 -11.42
N ALA D 35 7.86 -14.81 -12.11
CA ALA D 35 6.63 -15.34 -12.70
C ALA D 35 6.93 -16.30 -13.86
N LEU D 36 7.99 -16.00 -14.61
CA LEU D 36 8.41 -16.82 -15.74
C LEU D 36 9.05 -18.13 -15.32
N GLU D 37 9.72 -18.11 -14.18
CA GLU D 37 10.43 -19.30 -13.66
C GLU D 37 9.47 -20.39 -13.16
N LEU D 38 8.19 -20.05 -13.05
CA LEU D 38 7.14 -21.02 -12.75
C LEU D 38 6.32 -21.34 -14.00
N ASP D 39 6.21 -20.35 -14.89
CA ASP D 39 5.47 -20.51 -16.14
C ASP D 39 6.19 -19.80 -17.29
N PRO D 40 7.01 -20.55 -18.06
CA PRO D 40 7.72 -20.00 -19.21
C PRO D 40 6.91 -20.07 -20.50
N ASN D 41 5.62 -20.38 -20.38
CA ASN D 41 4.72 -20.48 -21.53
C ASN D 41 3.68 -19.35 -21.61
N ASN D 42 3.44 -18.70 -20.47
CA ASN D 42 2.55 -17.55 -20.42
C ASN D 42 3.12 -16.38 -21.22
N ALA D 43 2.51 -16.11 -22.36
CA ALA D 43 2.96 -15.09 -23.29
C ALA D 43 2.90 -13.69 -22.69
N SER D 44 1.88 -13.44 -21.89
CA SER D 44 1.70 -12.15 -21.22
C SER D 44 2.89 -11.80 -20.32
N ALA D 45 3.48 -12.82 -19.71
CA ALA D 45 4.63 -12.64 -18.82
C ALA D 45 5.87 -12.17 -19.56
N TRP D 46 6.05 -12.66 -20.79
CA TRP D 46 7.15 -12.21 -21.65
C TRP D 46 6.88 -10.79 -22.13
N TYR D 47 5.65 -10.57 -22.60
CA TYR D 47 5.18 -9.25 -23.00
C TYR D 47 5.40 -8.21 -21.90
N ASN D 48 4.93 -8.54 -20.69
CA ASN D 48 5.06 -7.64 -19.53
C ASN D 48 6.50 -7.30 -19.20
N LEU D 49 7.38 -8.29 -19.28
CA LEU D 49 8.81 -8.10 -19.08
C LEU D 49 9.42 -7.26 -20.20
N GLY D 50 8.88 -7.44 -21.41
CA GLY D 50 9.26 -6.63 -22.56
C GLY D 50 9.01 -5.15 -22.34
N ASN D 51 7.83 -4.83 -21.81
CA ASN D 51 7.47 -3.45 -21.43
C ASN D 51 8.42 -2.87 -20.38
N ALA D 52 8.83 -3.70 -19.42
CA ALA D 52 9.69 -3.29 -18.32
C ALA D 52 11.07 -2.83 -18.80
N TYR D 53 11.63 -3.57 -19.76
CA TYR D 53 12.91 -3.21 -20.35
C TYR D 53 12.77 -2.00 -21.29
N TYR D 54 11.66 -1.93 -22.01
CA TYR D 54 11.37 -0.81 -22.90
C TYR D 54 11.29 0.52 -22.13
N LYS D 55 10.54 0.51 -21.04
CA LYS D 55 10.34 1.71 -20.24
C LYS D 55 11.66 2.16 -19.60
N GLN D 56 12.57 1.22 -19.42
CA GLN D 56 13.91 1.50 -18.89
C GLN D 56 14.83 2.13 -19.92
N GLY D 57 14.66 1.73 -21.17
CA GLY D 57 15.54 2.18 -22.25
C GLY D 57 16.39 1.04 -22.78
N ASP D 58 16.09 -0.18 -22.32
CA ASP D 58 16.76 -1.37 -22.82
C ASP D 58 15.96 -1.93 -23.99
N TYR D 59 16.07 -1.24 -25.12
CA TYR D 59 15.31 -1.57 -26.31
C TYR D 59 15.73 -2.88 -26.95
N GLN D 60 16.97 -3.31 -26.70
CA GLN D 60 17.48 -4.59 -27.18
C GLN D 60 16.74 -5.77 -26.53
N LYS D 61 16.75 -5.81 -25.19
CA LYS D 61 16.05 -6.86 -24.46
C LYS D 61 14.54 -6.80 -24.67
N ALA D 62 13.98 -5.59 -24.69
CA ALA D 62 12.56 -5.41 -24.97
C ALA D 62 12.14 -6.19 -26.22
N ILE D 63 12.85 -5.95 -27.33
CA ILE D 63 12.60 -6.66 -28.59
C ILE D 63 12.71 -8.18 -28.41
N GLU D 64 13.78 -8.60 -27.75
CA GLU D 64 14.04 -10.01 -27.47
C GLU D 64 12.89 -10.65 -26.69
N TYR D 65 12.38 -9.96 -25.68
CA TYR D 65 11.29 -10.45 -24.85
C TYR D 65 9.91 -10.35 -25.52
N TYR D 66 9.66 -9.25 -26.22
CA TYR D 66 8.43 -9.12 -27.03
C TYR D 66 8.36 -10.22 -28.07
N GLN D 67 9.50 -10.54 -28.67
CA GLN D 67 9.63 -11.57 -29.69
C GLN D 67 9.20 -12.93 -29.16
N LYS D 68 9.60 -13.24 -27.93
CA LYS D 68 9.17 -14.46 -27.24
C LYS D 68 7.65 -14.51 -27.13
N ALA D 69 7.05 -13.38 -26.75
CA ALA D 69 5.61 -13.26 -26.59
C ALA D 69 4.86 -13.39 -27.91
N LEU D 70 5.55 -13.12 -29.02
CA LEU D 70 4.98 -13.26 -30.36
C LEU D 70 4.97 -14.71 -30.84
N GLU D 71 6.04 -15.44 -30.50
CA GLU D 71 6.20 -16.84 -30.88
C GLU D 71 5.19 -17.75 -30.17
N LEU D 72 4.72 -17.29 -29.01
CA LEU D 72 3.72 -18.03 -28.24
C LEU D 72 2.31 -17.53 -28.51
N ASP D 73 2.18 -16.24 -28.77
CA ASP D 73 0.89 -15.63 -29.08
C ASP D 73 1.05 -14.59 -30.19
N PRO D 74 0.88 -15.01 -31.46
CA PRO D 74 0.98 -14.09 -32.60
C PRO D 74 -0.28 -13.23 -32.79
N ASN D 75 -1.25 -13.39 -31.90
CA ASN D 75 -2.50 -12.64 -31.95
C ASN D 75 -2.53 -11.42 -31.03
N ASN D 76 -1.52 -11.31 -30.16
CA ASN D 76 -1.37 -10.13 -29.32
C ASN D 76 -0.87 -8.94 -30.14
N ALA D 77 -1.80 -8.06 -30.48
CA ALA D 77 -1.50 -6.89 -31.32
C ALA D 77 -0.54 -5.93 -30.62
N LYS D 78 -0.70 -5.80 -29.31
CA LYS D 78 0.11 -4.90 -28.49
C LYS D 78 1.58 -5.31 -28.54
N ALA D 79 1.83 -6.62 -28.56
CA ALA D 79 3.19 -7.16 -28.62
C ALA D 79 3.88 -6.85 -29.96
N TRP D 80 3.09 -6.86 -31.04
CA TRP D 80 3.58 -6.43 -32.35
C TRP D 80 3.82 -4.92 -32.35
N TYR D 81 2.83 -4.18 -31.85
CA TYR D 81 2.87 -2.72 -31.78
C TYR D 81 4.06 -2.23 -30.95
N ARG D 82 4.27 -2.85 -29.79
CA ARG D 82 5.28 -2.38 -28.84
C ARG D 82 6.69 -2.82 -29.18
N ARG D 83 6.83 -3.90 -29.95
CA ARG D 83 8.12 -4.25 -30.54
C ARG D 83 8.45 -3.24 -31.63
N GLY D 84 7.42 -2.77 -32.33
CA GLY D 84 7.53 -1.69 -33.31
C GLY D 84 8.14 -0.46 -32.66
N ASN D 85 7.57 -0.05 -31.53
CA ASN D 85 8.08 1.08 -30.76
C ASN D 85 9.55 0.91 -30.37
N ALA D 86 9.93 -0.32 -30.05
CA ALA D 86 11.31 -0.64 -29.68
C ALA D 86 12.25 -0.52 -30.88
N TYR D 87 11.82 -1.06 -32.01
CA TYR D 87 12.57 -0.94 -33.27
C TYR D 87 12.70 0.52 -33.70
N TYR D 88 11.64 1.30 -33.45
CA TYR D 88 11.65 2.73 -33.72
C TYR D 88 12.71 3.45 -32.90
N LYS D 89 12.74 3.16 -31.61
CA LYS D 89 13.67 3.78 -30.66
C LYS D 89 15.13 3.44 -30.96
N GLN D 90 15.34 2.29 -31.60
CA GLN D 90 16.68 1.86 -31.99
C GLN D 90 17.14 2.47 -33.31
N GLY D 91 16.21 3.02 -34.08
CA GLY D 91 16.51 3.59 -35.39
C GLY D 91 16.33 2.58 -36.51
N ASP D 92 15.84 1.40 -36.15
CA ASP D 92 15.51 0.37 -37.13
C ASP D 92 14.06 0.56 -37.57
N TYR D 93 13.86 1.53 -38.46
CA TYR D 93 12.53 1.92 -38.92
C TYR D 93 11.90 0.92 -39.88
N GLN D 94 12.75 0.15 -40.56
CA GLN D 94 12.30 -0.89 -41.48
C GLN D 94 11.48 -1.95 -40.75
N LYS D 95 12.07 -2.56 -39.73
CA LYS D 95 11.39 -3.60 -38.94
C LYS D 95 10.29 -3.01 -38.07
N ALA D 96 10.37 -1.71 -37.80
CA ALA D 96 9.34 -1.00 -37.06
C ALA D 96 8.04 -0.91 -37.86
N ILE D 97 8.15 -0.51 -39.13
CA ILE D 97 7.01 -0.46 -40.05
C ILE D 97 6.40 -1.87 -40.19
N GLU D 98 7.27 -2.85 -40.42
CA GLU D 98 6.87 -4.25 -40.53
C GLU D 98 6.05 -4.70 -39.31
N ASP D 99 6.48 -4.28 -38.13
CA ASP D 99 5.80 -4.61 -36.88
C ASP D 99 4.49 -3.87 -36.68
N TYR D 100 4.45 -2.60 -37.07
CA TYR D 100 3.23 -1.80 -37.00
C TYR D 100 2.17 -2.33 -37.96
N GLN D 101 2.59 -2.70 -39.17
CA GLN D 101 1.70 -3.22 -40.21
C GLN D 101 0.92 -4.44 -39.74
N LYS D 102 1.63 -5.39 -39.13
CA LYS D 102 1.02 -6.61 -38.62
C LYS D 102 0.06 -6.33 -37.46
N ALA D 103 0.42 -5.33 -36.65
CA ALA D 103 -0.39 -4.92 -35.50
C ALA D 103 -1.70 -4.24 -35.91
N LEU D 104 -1.77 -3.77 -37.15
CA LEU D 104 -2.96 -3.11 -37.66
C LEU D 104 -3.85 -4.07 -38.48
N GLU D 105 -3.24 -5.11 -39.02
CA GLU D 105 -3.97 -6.10 -39.80
C GLU D 105 -4.94 -6.89 -38.93
N LEU D 106 -4.65 -6.96 -37.63
CA LEU D 106 -5.39 -7.82 -36.73
C LEU D 106 -6.70 -7.17 -36.29
N ASP D 107 -7.04 -6.06 -36.94
CA ASP D 107 -8.15 -5.22 -36.48
C ASP D 107 -9.31 -5.25 -37.46
N SER E 8 -3.23 27.11 -3.06
CA SER E 8 -4.26 26.81 -2.07
C SER E 8 -3.39 26.49 -0.85
N ALA E 9 -3.72 25.42 -0.15
CA ALA E 9 -3.10 25.11 1.14
C ALA E 9 -1.62 24.79 0.99
N GLU E 10 -1.31 23.66 0.35
CA GLU E 10 -0.40 22.68 0.93
C GLU E 10 0.39 21.96 -0.15
N ALA E 11 0.52 22.60 -1.31
CA ALA E 11 1.27 22.04 -2.42
C ALA E 11 2.74 21.83 -2.04
N TRP E 12 3.41 22.92 -1.68
CA TRP E 12 4.82 22.86 -1.31
C TRP E 12 5.11 21.72 -0.33
N LYS E 13 4.16 21.48 0.58
CA LYS E 13 4.23 20.38 1.55
C LYS E 13 4.22 19.02 0.84
N ASN E 14 3.23 18.80 -0.01
CA ASN E 14 3.13 17.56 -0.77
C ASN E 14 4.33 17.32 -1.69
N LEU E 15 4.88 18.39 -2.24
CA LEU E 15 6.09 18.30 -3.06
C LEU E 15 7.28 17.88 -2.22
N GLY E 16 7.31 18.34 -0.96
CA GLY E 16 8.30 17.89 0.01
C GLY E 16 8.10 16.43 0.37
N ASN E 17 6.83 16.04 0.52
CA ASN E 17 6.47 14.66 0.86
C ASN E 17 6.98 13.64 -0.17
N ALA E 18 6.83 13.98 -1.44
CA ALA E 18 7.29 13.11 -2.53
C ALA E 18 8.81 12.99 -2.54
N TYR E 19 9.50 14.10 -2.30
CA TYR E 19 10.95 14.08 -2.21
C TYR E 19 11.46 13.37 -0.95
N TYR E 20 10.62 13.33 0.08
CA TYR E 20 10.91 12.58 1.30
C TYR E 20 10.82 11.08 1.02
N LYS E 21 9.84 10.71 0.18
CA LYS E 21 9.63 9.31 -0.21
C LYS E 21 10.70 8.79 -1.15
N GLN E 22 11.34 9.71 -1.89
CA GLN E 22 12.41 9.37 -2.81
C GLN E 22 13.78 9.43 -2.13
N GLY E 23 13.78 9.51 -0.80
CA GLY E 23 15.02 9.55 -0.01
C GLY E 23 15.88 10.78 -0.25
N ASP E 24 15.24 11.88 -0.62
CA ASP E 24 15.94 13.15 -0.79
C ASP E 24 15.31 14.01 0.30
N TYR E 25 16.01 14.15 1.42
CA TYR E 25 15.41 14.66 2.65
C TYR E 25 15.87 16.11 2.72
N GLN E 26 16.96 16.42 2.02
CA GLN E 26 17.43 17.79 1.90
C GLN E 26 16.48 18.63 1.04
N LYS E 27 16.05 18.06 -0.08
CA LYS E 27 15.05 18.72 -0.93
C LYS E 27 13.68 18.80 -0.28
N ALA E 28 13.37 17.83 0.56
CA ALA E 28 12.12 17.84 1.33
C ALA E 28 12.10 19.01 2.31
N ILE E 29 13.15 19.11 3.13
CA ILE E 29 13.31 20.23 4.07
C ILE E 29 13.19 21.57 3.33
N GLU E 30 13.88 21.67 2.19
CA GLU E 30 13.84 22.83 1.31
C GLU E 30 12.41 23.25 0.96
N TYR E 31 11.56 22.27 0.64
CA TYR E 31 10.18 22.55 0.26
C TYR E 31 9.19 22.56 1.44
N TYR E 32 9.65 22.08 2.60
CA TYR E 32 8.88 22.20 3.84
C TYR E 32 9.09 23.56 4.49
N GLN E 33 10.26 24.14 4.26
CA GLN E 33 10.60 25.48 4.76
C GLN E 33 9.84 26.55 3.99
N LYS E 34 9.76 26.37 2.67
CA LYS E 34 8.99 27.25 1.79
C LYS E 34 7.52 27.30 2.20
N ALA E 35 6.98 26.14 2.59
CA ALA E 35 5.61 26.03 3.08
C ALA E 35 5.40 26.83 4.36
N LEU E 36 6.39 26.80 5.25
CA LEU E 36 6.33 27.52 6.52
C LEU E 36 6.47 29.04 6.34
N GLU E 37 7.05 29.45 5.22
CA GLU E 37 7.15 30.86 4.87
C GLU E 37 5.80 31.42 4.44
N LEU E 38 5.08 30.64 3.63
CA LEU E 38 3.74 31.03 3.20
C LEU E 38 2.70 30.72 4.28
N ASP E 39 3.04 29.81 5.18
CA ASP E 39 2.16 29.47 6.29
C ASP E 39 2.94 28.86 7.44
N PRO E 40 2.98 29.58 8.57
CA PRO E 40 3.82 29.19 9.69
C PRO E 40 2.87 28.48 10.67
N ASN E 41 1.60 28.36 10.27
CA ASN E 41 0.57 27.77 11.13
C ASN E 41 0.15 26.35 10.74
N ASN E 42 0.52 25.91 9.54
CA ASN E 42 0.20 24.57 9.05
C ASN E 42 0.92 23.49 9.86
N ALA E 43 0.17 22.87 10.78
CA ALA E 43 0.71 21.86 11.71
C ALA E 43 1.30 20.65 11.00
N SER E 44 0.71 20.27 9.86
CA SER E 44 1.18 19.14 9.08
C SER E 44 2.59 19.37 8.53
N ALA E 45 2.87 20.62 8.16
CA ALA E 45 4.19 20.99 7.62
C ALA E 45 5.31 20.93 8.66
N TRP E 46 5.00 21.33 9.90
CA TRP E 46 5.94 21.22 11.02
C TRP E 46 6.19 19.75 11.35
N TYR E 47 5.14 18.94 11.24
CA TYR E 47 5.20 17.50 11.46
C TYR E 47 6.07 16.82 10.41
N ASN E 48 5.81 17.11 9.14
CA ASN E 48 6.58 16.57 8.02
C ASN E 48 8.05 16.98 8.06
N LEU E 49 8.31 18.20 8.51
CA LEU E 49 9.67 18.67 8.73
C LEU E 49 10.34 17.89 9.86
N GLY E 50 9.54 17.56 10.88
CA GLY E 50 10.00 16.74 12.00
C GLY E 50 10.39 15.33 11.57
N ASN E 51 9.67 14.81 10.57
CA ASN E 51 9.98 13.51 9.97
C ASN E 51 11.30 13.53 9.21
N ALA E 52 11.57 14.65 8.54
CA ALA E 52 12.78 14.79 7.74
C ALA E 52 14.04 14.70 8.60
N TYR E 53 14.11 15.53 9.64
CA TYR E 53 15.25 15.54 10.55
C TYR E 53 15.42 14.23 11.31
N TYR E 54 14.30 13.56 11.60
CA TYR E 54 14.33 12.25 12.26
C TYR E 54 15.01 11.21 11.37
N LYS E 55 14.61 11.18 10.10
CA LYS E 55 15.15 10.25 9.13
C LYS E 55 16.64 10.54 8.90
N GLN E 56 17.01 11.82 9.04
CA GLN E 56 18.40 12.26 8.92
C GLN E 56 19.26 11.86 10.13
N GLY E 57 18.62 11.43 11.20
CA GLY E 57 19.32 11.11 12.44
C GLY E 57 19.56 12.33 13.32
N ASP E 58 19.03 13.48 12.89
CA ASP E 58 19.04 14.69 13.71
C ASP E 58 17.80 14.66 14.59
N TYR E 59 17.91 13.94 15.71
CA TYR E 59 16.79 13.74 16.61
C TYR E 59 16.49 14.97 17.46
N GLN E 60 17.53 15.75 17.76
CA GLN E 60 17.36 17.01 18.48
C GLN E 60 16.37 17.94 17.77
N LYS E 61 16.56 18.11 16.47
CA LYS E 61 15.68 18.96 15.66
C LYS E 61 14.30 18.34 15.45
N ALA E 62 14.25 17.01 15.34
CA ALA E 62 12.99 16.31 15.15
C ALA E 62 12.02 16.58 16.30
N ILE E 63 12.53 16.43 17.53
CA ILE E 63 11.77 16.77 18.74
C ILE E 63 11.26 18.22 18.66
N GLU E 64 12.18 19.12 18.34
CA GLU E 64 11.90 20.55 18.23
C GLU E 64 10.79 20.84 17.21
N TYR E 65 10.87 20.21 16.05
CA TYR E 65 9.89 20.46 14.98
C TYR E 65 8.58 19.68 15.14
N TYR E 66 8.62 18.55 15.85
CA TYR E 66 7.41 17.83 16.22
C TYR E 66 6.61 18.61 17.26
N GLN E 67 7.31 19.26 18.19
CA GLN E 67 6.70 20.00 19.28
C GLN E 67 5.84 21.16 18.78
N LYS E 68 6.34 21.86 17.76
CA LYS E 68 5.60 22.96 17.14
C LYS E 68 4.35 22.47 16.41
N ALA E 69 4.38 21.22 15.94
CA ALA E 69 3.23 20.59 15.31
C ALA E 69 2.20 20.13 16.36
N LEU E 70 2.69 19.81 17.55
CA LEU E 70 1.83 19.43 18.66
C LEU E 70 1.20 20.64 19.34
N GLU E 71 1.93 21.76 19.32
CA GLU E 71 1.46 23.01 19.91
C GLU E 71 0.33 23.64 19.10
N LEU E 72 0.26 23.31 17.82
CA LEU E 72 -0.78 23.84 16.94
C LEU E 72 -1.90 22.84 16.74
N ASP E 73 -1.57 21.56 16.87
CA ASP E 73 -2.56 20.49 16.76
C ASP E 73 -2.04 19.38 17.68
N PRO E 74 -2.77 19.13 18.76
CA PRO E 74 -2.36 18.12 19.74
C PRO E 74 -3.24 16.89 19.48
N ASN E 75 -4.06 16.96 18.44
CA ASN E 75 -4.90 15.82 18.05
C ASN E 75 -4.24 14.90 17.04
N ASN E 76 -3.06 15.30 16.56
CA ASN E 76 -2.26 14.48 15.65
C ASN E 76 -1.49 13.42 16.45
N ALA E 77 -1.96 12.18 16.37
CA ALA E 77 -1.35 11.06 17.10
C ALA E 77 0.01 10.67 16.55
N LYS E 78 0.15 10.77 15.22
CA LYS E 78 1.38 10.42 14.51
C LYS E 78 2.53 11.36 14.87
N ALA E 79 2.18 12.57 15.31
CA ALA E 79 3.17 13.54 15.77
C ALA E 79 3.60 13.24 17.20
N TRP E 80 2.67 12.74 18.01
CA TRP E 80 2.96 12.29 19.36
C TRP E 80 3.81 11.03 19.33
N TYR E 81 3.44 10.09 18.45
CA TYR E 81 4.14 8.82 18.30
C TYR E 81 5.58 9.00 17.84
N ARG E 82 5.79 9.88 16.87
CA ARG E 82 7.11 10.05 16.28
C ARG E 82 8.06 10.92 17.10
N ARG E 83 7.52 11.83 17.91
CA ARG E 83 8.33 12.52 18.90
C ARG E 83 8.73 11.54 19.99
N GLY E 84 7.85 10.58 20.26
CA GLY E 84 8.13 9.46 21.15
C GLY E 84 9.29 8.63 20.64
N ASN E 85 9.25 8.31 19.34
CA ASN E 85 10.34 7.61 18.66
C ASN E 85 11.65 8.39 18.73
N ALA E 86 11.53 9.71 18.65
CA ALA E 86 12.68 10.61 18.70
C ALA E 86 13.30 10.68 20.09
N TYR E 87 12.46 10.67 21.12
CA TYR E 87 12.93 10.63 22.51
C TYR E 87 13.57 9.29 22.83
N TYR E 88 12.99 8.22 22.26
CA TYR E 88 13.53 6.87 22.41
C TYR E 88 14.92 6.79 21.77
N LYS E 89 15.05 7.36 20.58
CA LYS E 89 16.31 7.33 19.83
C LYS E 89 17.45 8.06 20.54
N GLN E 90 17.11 9.09 21.29
CA GLN E 90 18.11 9.86 22.05
C GLN E 90 18.54 9.14 23.33
N GLY E 91 17.59 8.45 23.97
CA GLY E 91 17.83 7.79 25.25
C GLY E 91 16.92 8.30 26.36
N ASP E 92 16.04 9.24 26.01
CA ASP E 92 15.05 9.76 26.94
C ASP E 92 13.80 8.88 26.90
N TYR E 93 13.81 7.83 27.71
CA TYR E 93 12.73 6.85 27.72
C TYR E 93 11.50 7.35 28.48
N GLN E 94 11.72 8.20 29.48
CA GLN E 94 10.62 8.82 30.20
C GLN E 94 9.70 9.59 29.26
N LYS E 95 10.28 10.55 28.53
CA LYS E 95 9.53 11.39 27.61
C LYS E 95 8.95 10.61 26.42
N ALA E 96 9.58 9.49 26.09
CA ALA E 96 9.08 8.59 25.06
C ALA E 96 7.77 7.93 25.51
N ILE E 97 7.80 7.29 26.67
CA ILE E 97 6.62 6.68 27.28
C ILE E 97 5.44 7.67 27.33
N GLU E 98 5.71 8.87 27.84
CA GLU E 98 4.71 9.93 27.97
C GLU E 98 4.06 10.29 26.63
N ASP E 99 4.88 10.42 25.59
CA ASP E 99 4.41 10.74 24.24
C ASP E 99 3.63 9.59 23.61
N TYR E 100 4.09 8.36 23.86
CA TYR E 100 3.41 7.17 23.34
C TYR E 100 2.02 7.01 23.93
N GLN E 101 1.90 7.20 25.24
CA GLN E 101 0.62 7.09 25.95
C GLN E 101 -0.40 8.07 25.41
N LYS E 102 0.03 9.30 25.14
CA LYS E 102 -0.84 10.34 24.58
C LYS E 102 -1.21 10.02 23.13
N ALA E 103 -0.30 9.36 22.41
CA ALA E 103 -0.55 8.94 21.03
C ALA E 103 -1.55 7.79 20.94
N LEU E 104 -1.64 7.01 22.02
CA LEU E 104 -2.56 5.87 22.05
C LEU E 104 -3.91 6.23 22.68
N GLU E 105 -3.90 7.23 23.56
CA GLU E 105 -5.12 7.72 24.22
C GLU E 105 -6.14 8.31 23.25
N LEU E 106 -5.69 8.59 22.02
CA LEU E 106 -6.55 9.25 21.03
C LEU E 106 -7.41 8.24 20.28
N ASP E 107 -7.54 7.05 20.85
CA ASP E 107 -8.35 5.99 20.24
C ASP E 107 -9.81 6.40 20.14
C ACE F 1 -8.16 16.33 4.76
O ACE F 1 -7.73 15.20 4.48
CH3 ACE F 1 -7.25 17.51 4.92
N MET F 2 -9.44 16.55 5.05
CA MET F 2 -10.50 16.39 4.05
C MET F 2 -10.40 17.40 2.92
N GLU F 3 -10.81 16.98 1.72
CA GLU F 3 -10.64 17.79 0.52
C GLU F 3 -11.97 18.39 0.03
N GLU F 4 -11.89 19.62 -0.49
CA GLU F 4 -13.07 20.35 -0.95
C GLU F 4 -13.29 20.18 -2.46
N VAL F 5 -14.24 20.93 -3.01
CA VAL F 5 -14.56 20.88 -4.45
C VAL F 5 -14.85 22.26 -5.03
N ASP F 6 -14.37 22.49 -6.25
CA ASP F 6 -14.62 23.74 -6.97
C ASP F 6 -15.20 23.47 -8.35
C ACE G 1 -8.91 -16.51 -14.41
O ACE G 1 -9.20 -15.33 -14.54
CH3 ACE G 1 -7.50 -16.95 -14.13
N MET G 2 -9.78 -17.49 -14.63
CA MET G 2 -10.95 -17.70 -13.77
C MET G 2 -10.58 -18.12 -12.36
N GLU G 3 -11.39 -17.70 -11.39
CA GLU G 3 -11.09 -17.90 -9.98
C GLU G 3 -11.96 -18.98 -9.34
N GLU G 4 -11.36 -19.76 -8.43
CA GLU G 4 -12.04 -20.87 -7.77
C GLU G 4 -12.65 -20.44 -6.42
N VAL G 5 -13.13 -21.42 -5.66
CA VAL G 5 -13.73 -21.18 -4.33
C VAL G 5 -13.37 -22.25 -3.31
N ASP G 6 -13.10 -21.82 -2.08
CA ASP G 6 -12.80 -22.73 -0.98
C ASP G 6 -13.73 -22.48 0.22
C ACE H 1 25.50 -7.53 28.20
O ACE H 1 25.30 -8.52 28.90
CH3 ACE H 1 26.47 -7.56 27.06
N MET H 2 24.98 -6.34 28.49
CA MET H 2 23.54 -6.08 28.43
C MET H 2 23.00 -6.18 27.01
N GLU H 3 21.75 -6.62 26.90
CA GLU H 3 21.13 -6.90 25.60
C GLU H 3 20.09 -5.85 25.21
N GLU H 4 20.04 -5.53 23.91
CA GLU H 4 19.14 -4.51 23.38
C GLU H 4 17.83 -5.11 22.87
N VAL H 5 17.00 -4.29 22.22
CA VAL H 5 15.71 -4.73 21.66
C VAL H 5 15.43 -4.09 20.30
N ASP H 6 14.87 -4.90 19.39
CA ASP H 6 14.48 -4.42 18.06
C ASP H 6 13.01 -4.75 17.78
C ACE I 1 2.83 7.65 -21.97
O ACE I 1 4.00 7.75 -22.32
CH3 ACE I 1 1.69 7.89 -22.92
N MET I 2 2.48 7.43 -20.69
CA MET I 2 2.80 6.19 -19.99
C MET I 2 2.06 4.99 -20.59
N GLU I 3 2.71 3.83 -20.54
CA GLU I 3 2.20 2.62 -21.17
C GLU I 3 1.64 1.61 -20.17
N GLU I 4 0.57 0.93 -20.55
CA GLU I 4 -0.11 -0.04 -19.70
C GLU I 4 0.38 -1.47 -19.94
N VAL I 5 -0.29 -2.45 -19.33
CA VAL I 5 0.06 -3.87 -19.48
C VAL I 5 -1.17 -4.77 -19.55
N ASP I 6 -1.11 -5.76 -20.44
CA ASP I 6 -2.18 -6.75 -20.59
C ASP I 6 -1.63 -8.17 -20.44
C ACE J 1 10.44 1.19 9.98
O ACE J 1 11.44 1.51 10.64
CH3 ACE J 1 9.27 0.50 10.62
N MET J 2 10.39 1.31 8.66
CA MET J 2 10.40 2.62 7.99
C MET J 2 9.13 3.43 8.30
N GLU J 3 9.29 4.74 8.34
CA GLU J 3 8.20 5.63 8.75
C GLU J 3 7.61 6.41 7.57
N GLU J 4 6.30 6.60 7.61
CA GLU J 4 5.56 7.30 6.56
C GLU J 4 5.39 8.80 6.84
N VAL J 5 4.59 9.47 6.01
CA VAL J 5 4.32 10.91 6.17
C VAL J 5 2.87 11.27 5.87
N ASP J 6 2.31 12.18 6.67
CA ASP J 6 0.95 12.67 6.48
C ASP J 6 0.92 14.20 6.40
#